data_4YJX
#
_entry.id   4YJX
#
_cell.length_a   58.033
_cell.length_b   92.997
_cell.length_c   94.259
_cell.angle_alpha   90.00
_cell.angle_beta   90.00
_cell.angle_gamma   90.00
#
_symmetry.space_group_name_H-M   'P 21 21 21'
#
loop_
_entity.id
_entity.type
_entity.pdbx_description
1 polymer 'ATP-dependent Clp protease adapter protein ClpS 2'
2 non-polymer 'SULFATE ION'
3 non-polymer 'PHENYLALANINE AMIDE'
4 water water
#
_entity_poly.entity_id   1
_entity_poly.type   'polypeptide(L)'
_entity_poly.pdbx_seq_one_letter_code
;MSDSPVDLKPKPKVKPKLERPKLYKVMLLNDDYTPREFVTVVLKAVFRMSEDTGRRVMMTAHRFGSAVVVVCERDIAETK
AKEATDLGKEAGFPLMFTTEPEE
;
_entity_poly.pdbx_strand_id   A,B,C,D
#
# COMPACT_ATOMS: atom_id res chain seq x y z
N ARG A 20 -19.37 -6.78 -26.16
CA ARG A 20 -18.00 -6.91 -26.64
C ARG A 20 -17.08 -7.35 -25.51
N PRO A 21 -16.11 -8.23 -25.80
CA PRO A 21 -15.19 -8.69 -24.75
C PRO A 21 -14.44 -7.53 -24.10
N LYS A 22 -14.32 -7.54 -22.78
CA LYS A 22 -13.61 -6.50 -22.07
C LYS A 22 -12.11 -6.64 -22.34
N LEU A 23 -11.44 -5.51 -22.51
CA LEU A 23 -9.99 -5.50 -22.70
C LEU A 23 -9.27 -5.43 -21.37
N TYR A 24 -8.06 -5.99 -21.33
CA TYR A 24 -7.27 -6.04 -20.10
C TYR A 24 -5.87 -5.53 -20.33
N LYS A 25 -5.45 -4.59 -19.48
CA LYS A 25 -4.08 -4.11 -19.49
C LYS A 25 -3.15 -5.17 -18.90
N VAL A 26 -2.04 -5.45 -19.59
CA VAL A 26 -0.93 -6.17 -18.99
C VAL A 26 0.05 -5.17 -18.39
N MET A 27 0.20 -5.21 -17.07
CA MET A 27 1.08 -4.29 -16.34
C MET A 27 2.41 -4.94 -15.96
N LEU A 28 3.50 -4.21 -16.18
CA LEU A 28 4.80 -4.55 -15.62
C LEU A 28 4.97 -3.82 -14.29
N LEU A 29 5.27 -4.57 -13.23
CA LEU A 29 5.47 -3.98 -11.92
C LEU A 29 6.96 -3.92 -11.60
N ASN A 30 7.36 -2.83 -10.96
CA ASN A 30 8.74 -2.69 -10.52
C ASN A 30 9.05 -3.57 -9.33
N ASP A 31 10.33 -3.92 -9.19
CA ASP A 31 10.83 -4.55 -7.99
C ASP A 31 12.31 -4.20 -7.91
N ASP A 32 12.95 -4.49 -6.78
CA ASP A 32 14.33 -4.07 -6.57
C ASP A 32 15.37 -5.13 -6.91
N TYR A 33 14.96 -6.31 -7.37
CA TYR A 33 15.89 -7.43 -7.50
C TYR A 33 16.11 -7.89 -8.94
N THR A 34 15.07 -7.85 -9.76
CA THR A 34 15.18 -8.30 -11.14
C THR A 34 16.12 -7.36 -11.92
N PRO A 35 17.13 -7.92 -12.59
CA PRO A 35 18.02 -7.06 -13.40
C PRO A 35 17.27 -6.29 -14.49
N ARG A 36 17.68 -5.04 -14.72
CA ARG A 36 17.05 -4.19 -15.72
C ARG A 36 17.05 -4.86 -17.10
N GLU A 37 18.19 -5.40 -17.51
CA GLU A 37 18.30 -5.98 -18.84
C GLU A 37 17.51 -7.27 -18.97
N PHE A 38 17.39 -8.02 -17.88
CA PHE A 38 16.57 -9.23 -17.92
C PHE A 38 15.11 -8.88 -18.20
N VAL A 39 14.60 -7.86 -17.52
CA VAL A 39 13.23 -7.40 -17.74
C VAL A 39 13.07 -7.09 -19.23
N THR A 40 14.09 -6.43 -19.78
CA THR A 40 14.07 -5.99 -21.17
C THR A 40 13.95 -7.16 -22.15
N VAL A 41 14.75 -8.20 -21.97
CA VAL A 41 14.72 -9.32 -22.89
C VAL A 41 13.47 -10.17 -22.70
N VAL A 42 12.89 -10.14 -21.50
CA VAL A 42 11.58 -10.74 -21.26
C VAL A 42 10.56 -10.01 -22.13
N LEU A 43 10.64 -8.68 -22.14
CA LEU A 43 9.71 -7.87 -22.90
C LEU A 43 9.89 -8.12 -24.41
N LYS A 44 11.13 -8.30 -24.84
CA LYS A 44 11.42 -8.60 -26.23
C LYS A 44 10.84 -9.96 -26.64
N ALA A 45 11.04 -10.98 -25.80
CA ALA A 45 10.66 -12.34 -26.14
C ALA A 45 9.16 -12.60 -26.06
N VAL A 46 8.50 -12.07 -25.03
CA VAL A 46 7.09 -12.36 -24.80
C VAL A 46 6.15 -11.37 -25.50
N PHE A 47 6.57 -10.11 -25.63
CA PHE A 47 5.70 -9.07 -26.20
C PHE A 47 6.27 -8.48 -27.49
N ARG A 48 7.31 -9.12 -28.02
CA ARG A 48 7.81 -8.79 -29.35
C ARG A 48 8.22 -7.33 -29.47
N MET A 49 8.78 -6.79 -28.40
CA MET A 49 9.29 -5.43 -28.43
C MET A 49 10.74 -5.41 -28.92
N SER A 50 11.14 -4.27 -29.49
CA SER A 50 12.53 -4.06 -29.84
C SER A 50 13.33 -3.83 -28.56
N GLU A 51 14.65 -3.84 -28.67
CA GLU A 51 15.50 -3.51 -27.54
C GLU A 51 15.14 -2.12 -27.02
N ASP A 52 15.11 -1.12 -27.90
CA ASP A 52 14.82 0.26 -27.49
C ASP A 52 13.49 0.39 -26.76
N THR A 53 12.43 -0.15 -27.36
CA THR A 53 11.10 -0.11 -26.77
C THR A 53 11.08 -0.84 -25.43
N GLY A 54 11.71 -2.00 -25.40
CA GLY A 54 11.81 -2.79 -24.18
C GLY A 54 12.45 -2.03 -23.04
N ARG A 55 13.57 -1.37 -23.31
CA ARG A 55 14.26 -0.57 -22.30
C ARG A 55 13.34 0.51 -21.75
N ARG A 56 12.60 1.16 -22.64
CA ARG A 56 11.77 2.29 -22.24
C ARG A 56 10.61 1.86 -21.35
N VAL A 57 9.98 0.74 -21.68
CA VAL A 57 8.89 0.21 -20.86
C VAL A 57 9.45 -0.24 -19.51
N MET A 58 10.56 -0.96 -19.55
CA MET A 58 11.26 -1.37 -18.35
C MET A 58 11.58 -0.17 -17.46
N MET A 59 12.09 0.89 -18.09
CA MET A 59 12.49 2.07 -17.34
C MET A 59 11.28 2.84 -16.82
N THR A 60 10.16 2.75 -17.53
CA THR A 60 8.95 3.41 -17.09
C THR A 60 8.49 2.79 -15.78
N ALA A 61 8.47 1.47 -15.72
CA ALA A 61 8.11 0.78 -14.49
C ALA A 61 9.15 1.07 -13.41
N HIS A 62 10.41 1.06 -13.81
CA HIS A 62 11.53 1.33 -12.91
C HIS A 62 11.36 2.65 -12.16
N ARG A 63 10.88 3.67 -12.86
CA ARG A 63 10.76 5.02 -12.30
C ARG A 63 9.46 5.29 -11.57
N PHE A 64 8.34 4.79 -12.12
CA PHE A 64 7.01 5.15 -11.62
C PHE A 64 6.28 3.97 -10.98
N GLY A 65 6.99 2.88 -10.75
CA GLY A 65 6.42 1.74 -10.05
C GLY A 65 5.75 0.73 -10.96
N SER A 66 5.28 1.18 -12.12
CA SER A 66 4.60 0.27 -13.04
C SER A 66 4.54 0.83 -14.47
N ALA A 67 4.13 -0.03 -15.40
CA ALA A 67 4.03 0.36 -16.81
C ALA A 67 3.07 -0.56 -17.57
N VAL A 68 2.24 0.04 -18.42
CA VAL A 68 1.39 -0.74 -19.31
C VAL A 68 2.26 -1.33 -20.42
N VAL A 69 2.18 -2.64 -20.59
CA VAL A 69 2.93 -3.34 -21.63
C VAL A 69 2.09 -3.43 -22.91
N VAL A 70 0.87 -3.92 -22.75
CA VAL A 70 -0.03 -4.16 -23.87
C VAL A 70 -1.46 -4.23 -23.30
N VAL A 71 -2.45 -4.00 -24.15
CA VAL A 71 -3.85 -4.17 -23.75
C VAL A 71 -4.54 -5.08 -24.76
N CYS A 72 -5.10 -6.17 -24.27
CA CYS A 72 -5.63 -7.21 -25.15
C CYS A 72 -6.75 -7.98 -24.47
N GLU A 73 -7.28 -8.98 -25.17
CA GLU A 73 -8.36 -9.79 -24.63
C GLU A 73 -7.87 -10.51 -23.39
N ARG A 74 -8.78 -10.67 -22.43
CA ARG A 74 -8.45 -11.17 -21.10
C ARG A 74 -7.58 -12.42 -21.10
N ASP A 75 -8.07 -13.50 -21.70
CA ASP A 75 -7.37 -14.78 -21.67
C ASP A 75 -5.97 -14.64 -22.24
N ILE A 76 -5.82 -13.81 -23.26
CA ILE A 76 -4.51 -13.55 -23.86
C ILE A 76 -3.67 -12.75 -22.89
N ALA A 77 -4.27 -11.75 -22.26
CA ALA A 77 -3.55 -10.91 -21.32
C ALA A 77 -3.03 -11.75 -20.16
N GLU A 78 -3.88 -12.65 -19.67
CA GLU A 78 -3.52 -13.54 -18.57
C GLU A 78 -2.39 -14.47 -18.95
N THR A 79 -2.46 -15.02 -20.17
CA THR A 79 -1.46 -15.97 -20.65
C THR A 79 -0.08 -15.32 -20.77
N LYS A 80 -0.04 -14.11 -21.31
CA LYS A 80 1.23 -13.43 -21.50
C LYS A 80 1.83 -12.98 -20.18
N ALA A 81 0.98 -12.48 -19.29
CA ALA A 81 1.43 -12.04 -17.97
C ALA A 81 2.08 -13.19 -17.20
N LYS A 82 1.47 -14.37 -17.27
CA LYS A 82 1.99 -15.56 -16.59
C LYS A 82 3.29 -16.04 -17.23
N GLU A 83 3.34 -16.08 -18.55
CA GLU A 83 4.56 -16.48 -19.26
C GLU A 83 5.72 -15.59 -18.86
N ALA A 84 5.49 -14.29 -18.85
CA ALA A 84 6.53 -13.33 -18.53
C ALA A 84 6.94 -13.44 -17.07
N THR A 85 5.95 -13.63 -16.20
CA THR A 85 6.21 -13.80 -14.77
C THR A 85 7.02 -15.06 -14.48
N ASP A 86 6.69 -16.15 -15.17
CA ASP A 86 7.36 -17.43 -14.94
C ASP A 86 8.84 -17.37 -15.28
N LEU A 87 9.17 -16.65 -16.35
CA LEU A 87 10.55 -16.46 -16.75
C LEU A 87 11.37 -15.89 -15.60
N GLY A 88 10.85 -14.84 -14.96
CA GLY A 88 11.54 -14.24 -13.84
C GLY A 88 11.54 -15.17 -12.65
N LYS A 89 10.39 -15.78 -12.39
CA LYS A 89 10.19 -16.64 -11.24
C LYS A 89 11.15 -17.83 -11.25
N GLU A 90 11.24 -18.50 -12.39
CA GLU A 90 12.12 -19.66 -12.48
C GLU A 90 13.59 -19.27 -12.55
N ALA A 91 13.85 -17.96 -12.65
CA ALA A 91 15.21 -17.45 -12.61
C ALA A 91 15.59 -16.96 -11.21
N GLY A 92 14.63 -17.03 -10.29
CA GLY A 92 14.84 -16.61 -8.93
C GLY A 92 14.58 -15.12 -8.72
N PHE A 93 13.77 -14.53 -9.60
CA PHE A 93 13.44 -13.11 -9.52
C PHE A 93 11.98 -12.90 -9.10
N PRO A 94 11.70 -11.80 -8.40
CA PRO A 94 10.31 -11.48 -8.03
C PRO A 94 9.56 -10.76 -9.16
N LEU A 95 10.11 -10.77 -10.37
CA LEU A 95 9.48 -10.10 -11.51
C LEU A 95 8.01 -10.45 -11.65
N MET A 96 7.17 -9.43 -11.71
CA MET A 96 5.73 -9.62 -11.74
C MET A 96 5.07 -8.89 -12.90
N PHE A 97 4.35 -9.64 -13.72
CA PHE A 97 3.44 -9.07 -14.70
C PHE A 97 2.03 -9.40 -14.25
N THR A 98 1.17 -8.38 -14.21
CA THR A 98 -0.22 -8.58 -13.81
C THR A 98 -1.17 -8.16 -14.93
N THR A 99 -2.44 -8.47 -14.75
CA THR A 99 -3.48 -7.97 -15.63
C THR A 99 -4.44 -7.14 -14.81
N GLU A 100 -5.11 -6.21 -15.46
CA GLU A 100 -6.18 -5.48 -14.82
C GLU A 100 -7.07 -4.93 -15.91
N PRO A 101 -8.39 -4.84 -15.64
CA PRO A 101 -9.32 -4.37 -16.66
C PRO A 101 -9.15 -2.88 -16.94
N GLU A 102 -9.67 -2.42 -18.08
CA GLU A 102 -9.76 -0.98 -18.33
C GLU A 102 -11.21 -0.57 -18.52
N ARG B 20 -20.31 -22.39 -12.86
CA ARG B 20 -19.91 -22.15 -14.24
C ARG B 20 -19.01 -20.93 -14.36
N PRO B 21 -19.34 -19.83 -13.66
CA PRO B 21 -18.46 -18.66 -13.73
C PRO B 21 -17.09 -18.95 -13.13
N LYS B 22 -16.01 -18.68 -13.85
CA LYS B 22 -14.69 -19.01 -13.35
C LYS B 22 -14.34 -18.16 -12.15
N LEU B 23 -13.76 -18.81 -11.13
CA LEU B 23 -13.35 -18.13 -9.93
C LEU B 23 -11.92 -17.60 -10.06
N TYR B 24 -11.63 -16.53 -9.34
CA TYR B 24 -10.34 -15.86 -9.42
C TYR B 24 -9.72 -15.72 -8.04
N LYS B 25 -8.42 -16.00 -7.96
CA LYS B 25 -7.67 -15.79 -6.74
C LYS B 25 -7.34 -14.32 -6.60
N VAL B 26 -7.60 -13.75 -5.43
CA VAL B 26 -7.06 -12.44 -5.10
C VAL B 26 -5.71 -12.68 -4.43
N MET B 27 -4.65 -12.21 -5.07
CA MET B 27 -3.29 -12.38 -4.58
C MET B 27 -2.78 -11.12 -3.91
N LEU B 28 -2.24 -11.28 -2.71
CA LEU B 28 -1.41 -10.24 -2.09
C LEU B 28 0.03 -10.45 -2.55
N LEU B 29 0.66 -9.38 -3.02
CA LEU B 29 2.07 -9.42 -3.41
C LEU B 29 2.96 -8.74 -2.38
N ASN B 30 4.16 -9.27 -2.22
CA ASN B 30 5.12 -8.71 -1.28
C ASN B 30 5.87 -7.52 -1.88
N ASP B 31 6.31 -6.63 -0.99
CA ASP B 31 7.22 -5.56 -1.35
C ASP B 31 8.00 -5.15 -0.10
N ASP B 32 9.06 -4.37 -0.26
CA ASP B 32 9.95 -4.05 0.85
C ASP B 32 9.64 -2.71 1.50
N TYR B 33 8.50 -2.11 1.17
CA TYR B 33 8.24 -0.72 1.55
C TYR B 33 6.96 -0.52 2.34
N THR B 34 5.90 -1.23 2.00
CA THR B 34 4.66 -1.14 2.74
C THR B 34 4.85 -1.73 4.14
N PRO B 35 4.53 -0.96 5.20
CA PRO B 35 4.63 -1.47 6.58
C PRO B 35 3.78 -2.72 6.82
N ARG B 36 4.31 -3.67 7.58
CA ARG B 36 3.61 -4.94 7.81
C ARG B 36 2.21 -4.74 8.39
N GLU B 37 2.09 -3.86 9.38
CA GLU B 37 0.82 -3.67 10.06
C GLU B 37 -0.21 -2.95 9.19
N PHE B 38 0.27 -2.15 8.24
CA PHE B 38 -0.65 -1.50 7.30
C PHE B 38 -1.28 -2.55 6.40
N VAL B 39 -0.46 -3.49 5.93
CA VAL B 39 -0.98 -4.61 5.14
C VAL B 39 -2.05 -5.33 5.93
N THR B 40 -1.75 -5.61 7.19
CA THR B 40 -2.68 -6.32 8.07
C THR B 40 -4.02 -5.59 8.19
N VAL B 41 -3.99 -4.29 8.47
CA VAL B 41 -5.24 -3.56 8.66
C VAL B 41 -5.98 -3.39 7.33
N VAL B 42 -5.26 -3.31 6.22
CA VAL B 42 -5.93 -3.34 4.90
C VAL B 42 -6.66 -4.67 4.73
N LEU B 43 -6.03 -5.77 5.15
CA LEU B 43 -6.64 -7.09 5.02
C LEU B 43 -7.88 -7.21 5.89
N LYS B 44 -7.84 -6.61 7.08
CA LYS B 44 -9.01 -6.59 7.96
C LYS B 44 -10.16 -5.80 7.34
N ALA B 45 -9.86 -4.62 6.80
CA ALA B 45 -10.87 -3.73 6.26
C ALA B 45 -11.53 -4.29 5.00
N VAL B 46 -10.72 -4.65 4.01
CA VAL B 46 -11.25 -5.07 2.71
C VAL B 46 -11.77 -6.51 2.71
N PHE B 47 -11.09 -7.40 3.44
CA PHE B 47 -11.39 -8.83 3.36
C PHE B 47 -11.95 -9.39 4.66
N ARG B 48 -12.23 -8.50 5.61
CA ARG B 48 -12.92 -8.84 6.86
C ARG B 48 -12.17 -9.92 7.65
N MET B 49 -10.84 -9.90 7.56
CA MET B 49 -10.01 -10.81 8.33
C MET B 49 -9.80 -10.28 9.74
N SER B 50 -9.49 -11.18 10.66
CA SER B 50 -9.14 -10.78 12.02
C SER B 50 -7.70 -10.31 12.01
N GLU B 51 -7.25 -9.78 13.15
CA GLU B 51 -5.87 -9.34 13.27
C GLU B 51 -4.94 -10.55 13.08
N ASP B 52 -5.31 -11.69 13.66
CA ASP B 52 -4.47 -12.88 13.59
C ASP B 52 -4.45 -13.46 12.18
N THR B 53 -5.62 -13.55 11.57
CA THR B 53 -5.75 -14.05 10.20
C THR B 53 -5.04 -13.13 9.21
N GLY B 54 -5.32 -11.85 9.31
CA GLY B 54 -4.70 -10.86 8.44
C GLY B 54 -3.19 -10.91 8.56
N ARG B 55 -2.71 -11.00 9.80
CA ARG B 55 -1.27 -10.98 10.05
C ARG B 55 -0.61 -12.21 9.45
N ARG B 56 -1.26 -13.37 9.57
CA ARG B 56 -0.72 -14.60 9.04
C ARG B 56 -0.64 -14.55 7.51
N VAL B 57 -1.67 -14.04 6.87
CA VAL B 57 -1.67 -13.87 5.42
C VAL B 57 -0.56 -12.91 5.00
N MET B 58 -0.41 -11.82 5.75
CA MET B 58 0.63 -10.84 5.47
C MET B 58 2.00 -11.49 5.58
N MET B 59 2.16 -12.36 6.57
CA MET B 59 3.42 -13.05 6.78
C MET B 59 3.67 -14.10 5.71
N THR B 60 2.61 -14.65 5.12
CA THR B 60 2.77 -15.65 4.06
C THR B 60 3.36 -14.97 2.83
N ALA B 61 2.83 -13.80 2.49
CA ALA B 61 3.33 -13.04 1.36
C ALA B 61 4.75 -12.56 1.65
N HIS B 62 4.94 -12.12 2.88
CA HIS B 62 6.26 -11.68 3.36
C HIS B 62 7.34 -12.73 3.15
N ARG B 63 7.00 -13.99 3.37
CA ARG B 63 7.98 -15.07 3.32
C ARG B 63 8.14 -15.67 1.92
N PHE B 64 7.04 -15.80 1.19
CA PHE B 64 7.04 -16.56 -0.06
C PHE B 64 6.94 -15.70 -1.31
N GLY B 65 6.64 -14.41 -1.15
CA GLY B 65 6.52 -13.50 -2.26
C GLY B 65 5.08 -13.11 -2.54
N SER B 66 4.15 -14.01 -2.20
CA SER B 66 2.74 -13.72 -2.38
C SER B 66 1.87 -14.63 -1.53
N ALA B 67 0.58 -14.35 -1.50
CA ALA B 67 -0.36 -15.13 -0.71
C ALA B 67 -1.76 -15.01 -1.26
N VAL B 68 -2.47 -16.13 -1.30
CA VAL B 68 -3.86 -16.15 -1.72
C VAL B 68 -4.73 -15.58 -0.60
N VAL B 69 -5.40 -14.48 -0.88
CA VAL B 69 -6.25 -13.81 0.09
C VAL B 69 -7.63 -14.45 0.12
N VAL B 70 -8.21 -14.61 -1.06
CA VAL B 70 -9.56 -15.14 -1.21
C VAL B 70 -9.74 -15.59 -2.65
N VAL B 71 -10.72 -16.47 -2.88
CA VAL B 71 -11.06 -16.89 -4.25
C VAL B 71 -12.55 -16.67 -4.45
N CYS B 72 -12.88 -15.89 -5.47
CA CYS B 72 -14.27 -15.50 -5.69
C CYS B 72 -14.53 -15.17 -7.16
N GLU B 73 -15.74 -14.70 -7.44
CA GLU B 73 -16.13 -14.27 -8.78
C GLU B 73 -15.17 -13.20 -9.27
N ARG B 74 -14.86 -13.24 -10.56
CA ARG B 74 -13.87 -12.36 -11.16
C ARG B 74 -14.13 -10.88 -10.87
N ASP B 75 -15.35 -10.43 -11.11
CA ASP B 75 -15.70 -9.04 -10.90
C ASP B 75 -15.49 -8.63 -9.43
N ILE B 76 -15.88 -9.51 -8.51
CA ILE B 76 -15.70 -9.24 -7.09
C ILE B 76 -14.21 -9.23 -6.77
N ALA B 77 -13.49 -10.19 -7.32
CA ALA B 77 -12.07 -10.33 -7.10
C ALA B 77 -11.33 -9.07 -7.54
N GLU B 78 -11.69 -8.57 -8.72
CA GLU B 78 -11.07 -7.37 -9.28
C GLU B 78 -11.36 -6.13 -8.43
N THR B 79 -12.60 -5.98 -8.01
CA THR B 79 -13.01 -4.88 -7.15
C THR B 79 -12.25 -4.87 -5.83
N LYS B 80 -12.12 -6.03 -5.19
CA LYS B 80 -11.46 -6.08 -3.89
C LYS B 80 -9.97 -5.80 -4.05
N ALA B 81 -9.38 -6.30 -5.13
CA ALA B 81 -7.97 -6.07 -5.40
C ALA B 81 -7.71 -4.58 -5.59
N LYS B 82 -8.62 -3.91 -6.29
CA LYS B 82 -8.42 -2.50 -6.59
C LYS B 82 -8.58 -1.67 -5.32
N GLU B 83 -9.62 -1.94 -4.55
CA GLU B 83 -9.88 -1.22 -3.31
C GLU B 83 -8.69 -1.33 -2.36
N ALA B 84 -8.14 -2.53 -2.24
CA ALA B 84 -7.03 -2.77 -1.33
C ALA B 84 -5.74 -2.12 -1.86
N THR B 85 -5.50 -2.19 -3.16
CA THR B 85 -4.32 -1.57 -3.76
C THR B 85 -4.40 -0.05 -3.61
N ASP B 86 -5.58 0.51 -3.88
CA ASP B 86 -5.80 1.94 -3.78
C ASP B 86 -5.46 2.48 -2.40
N LEU B 87 -5.75 1.68 -1.37
CA LEU B 87 -5.43 2.08 -0.01
C LEU B 87 -3.93 2.25 0.17
N GLY B 88 -3.17 1.34 -0.43
CA GLY B 88 -1.72 1.44 -0.38
C GLY B 88 -1.24 2.59 -1.24
N LYS B 89 -1.74 2.63 -2.46
CA LYS B 89 -1.34 3.62 -3.44
C LYS B 89 -1.53 5.04 -2.92
N GLU B 90 -2.70 5.32 -2.33
CA GLU B 90 -3.00 6.68 -1.89
C GLU B 90 -2.28 7.00 -0.58
N ALA B 91 -1.58 6.02 -0.02
CA ALA B 91 -0.74 6.26 1.16
C ALA B 91 0.73 6.33 0.77
N GLY B 92 1.01 6.21 -0.53
CA GLY B 92 2.37 6.31 -1.03
C GLY B 92 3.18 5.03 -0.93
N PHE B 93 2.50 3.89 -0.85
CA PHE B 93 3.17 2.59 -0.77
C PHE B 93 2.98 1.82 -2.06
N PRO B 94 3.94 0.96 -2.40
CA PRO B 94 3.79 0.18 -3.63
C PRO B 94 2.90 -1.07 -3.44
N LEU B 95 2.22 -1.17 -2.30
CA LEU B 95 1.36 -2.31 -1.98
C LEU B 95 0.47 -2.72 -3.16
N MET B 96 0.51 -4.00 -3.52
CA MET B 96 -0.19 -4.48 -4.71
C MET B 96 -0.98 -5.75 -4.44
N PHE B 97 -2.27 -5.67 -4.76
CA PHE B 97 -3.12 -6.85 -4.82
C PHE B 97 -3.49 -7.09 -6.27
N THR B 98 -3.44 -8.35 -6.68
CA THR B 98 -3.79 -8.72 -8.04
C THR B 98 -4.79 -9.87 -8.06
N THR B 99 -5.30 -10.16 -9.25
CA THR B 99 -6.16 -11.31 -9.45
C THR B 99 -5.46 -12.23 -10.43
N GLU B 100 -5.78 -13.51 -10.35
CA GLU B 100 -5.37 -14.47 -11.37
C GLU B 100 -6.35 -15.64 -11.34
N PRO B 101 -6.66 -16.20 -12.52
CA PRO B 101 -7.68 -17.26 -12.55
C PRO B 101 -7.24 -18.51 -11.80
N GLU B 102 -8.19 -19.24 -11.25
CA GLU B 102 -7.90 -20.50 -10.57
C GLU B 102 -8.02 -21.68 -11.52
N ARG C 20 16.38 -16.73 21.09
CA ARG C 20 16.94 -15.71 20.21
C ARG C 20 16.24 -14.37 20.44
N PRO C 21 17.01 -13.30 20.64
CA PRO C 21 16.40 -11.97 20.72
C PRO C 21 16.05 -11.46 19.32
N LYS C 22 14.95 -10.72 19.20
CA LYS C 22 14.42 -10.34 17.89
C LYS C 22 14.68 -8.88 17.58
N LEU C 23 15.28 -8.63 16.42
CA LEU C 23 15.59 -7.28 16.00
C LEU C 23 14.40 -6.64 15.31
N TYR C 24 14.31 -5.32 15.44
CA TYR C 24 13.23 -4.54 14.88
C TYR C 24 13.74 -3.50 13.92
N LYS C 25 13.07 -3.37 12.78
CA LYS C 25 13.36 -2.32 11.82
C LYS C 25 12.80 -0.99 12.30
N VAL C 26 13.52 0.09 12.01
CA VAL C 26 12.99 1.43 12.13
C VAL C 26 12.72 1.95 10.72
N MET C 27 11.46 2.17 10.39
CA MET C 27 11.11 2.65 9.06
C MET C 27 10.78 4.12 9.08
N LEU C 28 11.48 4.86 8.22
CA LEU C 28 11.11 6.22 7.88
C LEU C 28 9.94 6.17 6.90
N LEU C 29 8.86 6.88 7.21
CA LEU C 29 7.73 6.99 6.29
C LEU C 29 7.77 8.32 5.55
N ASN C 30 7.42 8.28 4.27
CA ASN C 30 7.37 9.49 3.48
C ASN C 30 6.14 10.32 3.85
N ASP C 31 6.24 11.63 3.66
CA ASP C 31 5.06 12.48 3.65
C ASP C 31 5.37 13.63 2.70
N ASP C 32 4.35 14.41 2.35
CA ASP C 32 4.50 15.46 1.36
C ASP C 32 4.80 16.83 1.97
N TYR C 33 4.93 16.87 3.30
CA TYR C 33 5.03 18.15 4.00
C TYR C 33 6.39 18.42 4.65
N THR C 34 6.97 17.41 5.30
CA THR C 34 8.22 17.61 6.01
C THR C 34 9.33 17.98 5.02
N PRO C 35 10.10 19.03 5.33
CA PRO C 35 11.21 19.40 4.44
C PRO C 35 12.26 18.30 4.31
N ARG C 36 12.77 18.10 3.09
CA ARG C 36 13.78 17.08 2.81
C ARG C 36 14.98 17.20 3.75
N GLU C 37 15.52 18.41 3.82
CA GLU C 37 16.72 18.65 4.61
C GLU C 37 16.48 18.51 6.10
N PHE C 38 15.26 18.76 6.55
CA PHE C 38 14.94 18.53 7.95
C PHE C 38 15.04 17.05 8.26
N VAL C 39 14.47 16.22 7.38
CA VAL C 39 14.52 14.78 7.56
C VAL C 39 15.98 14.31 7.62
N THR C 40 16.82 14.88 6.76
CA THR C 40 18.22 14.51 6.70
C THR C 40 18.94 14.82 8.02
N VAL C 41 18.72 16.00 8.59
CA VAL C 41 19.40 16.34 9.85
C VAL C 41 18.81 15.59 11.05
N VAL C 42 17.55 15.16 10.96
CA VAL C 42 16.99 14.28 11.99
C VAL C 42 17.68 12.92 11.93
N LEU C 43 17.92 12.43 10.71
CA LEU C 43 18.62 11.17 10.52
C LEU C 43 20.06 11.28 11.03
N LYS C 44 20.65 12.46 10.85
CA LYS C 44 22.01 12.68 11.33
C LYS C 44 22.05 12.67 12.86
N ALA C 45 21.12 13.36 13.49
CA ALA C 45 21.09 13.50 14.94
C ALA C 45 20.74 12.18 15.66
N VAL C 46 19.60 11.60 15.30
CA VAL C 46 19.09 10.42 16.02
C VAL C 46 19.83 9.15 15.66
N PHE C 47 20.24 9.03 14.41
CA PHE C 47 20.78 7.76 13.90
C PHE C 47 22.24 7.87 13.47
N ARG C 48 22.85 9.02 13.78
CA ARG C 48 24.28 9.20 13.62
C ARG C 48 24.76 9.00 12.18
N MET C 49 23.92 9.38 11.22
CA MET C 49 24.27 9.24 9.82
C MET C 49 25.04 10.46 9.34
N SER C 50 25.78 10.29 8.24
CA SER C 50 26.45 11.38 7.58
C SER C 50 25.46 12.17 6.74
N GLU C 51 25.87 13.33 6.27
CA GLU C 51 25.01 14.13 5.42
C GLU C 51 24.63 13.33 4.19
N ASP C 52 25.63 12.76 3.52
CA ASP C 52 25.41 12.02 2.29
C ASP C 52 24.51 10.82 2.52
N THR C 53 24.78 10.07 3.58
CA THR C 53 24.01 8.86 3.88
C THR C 53 22.57 9.20 4.23
N GLY C 54 22.38 10.21 5.07
CA GLY C 54 21.05 10.60 5.49
C GLY C 54 20.20 11.04 4.31
N ARG C 55 20.82 11.84 3.44
CA ARG C 55 20.15 12.31 2.24
C ARG C 55 19.72 11.13 1.38
N ARG C 56 20.60 10.13 1.27
CA ARG C 56 20.31 8.95 0.47
C ARG C 56 19.14 8.17 1.06
N VAL C 57 19.13 7.98 2.38
CA VAL C 57 18.02 7.30 3.04
C VAL C 57 16.75 8.12 2.90
N MET C 58 16.88 9.42 3.12
CA MET C 58 15.76 10.34 2.99
C MET C 58 15.13 10.21 1.61
N MET C 59 15.96 10.20 0.59
CA MET C 59 15.49 10.13 -0.79
C MET C 59 14.89 8.77 -1.12
N THR C 60 15.29 7.73 -0.38
CA THR C 60 14.69 6.42 -0.57
C THR C 60 13.22 6.44 -0.15
N ALA C 61 12.93 7.00 1.02
CA ALA C 61 11.55 7.12 1.45
C ALA C 61 10.81 8.04 0.49
N HIS C 62 11.45 9.16 0.14
CA HIS C 62 10.86 10.17 -0.73
C HIS C 62 10.31 9.59 -2.02
N ARG C 63 11.03 8.61 -2.57
CA ARG C 63 10.73 8.08 -3.88
C ARG C 63 9.84 6.84 -3.82
N PHE C 64 9.97 6.05 -2.75
CA PHE C 64 9.36 4.72 -2.71
C PHE C 64 8.38 4.51 -1.56
N GLY C 65 8.26 5.50 -0.68
CA GLY C 65 7.22 5.49 0.34
C GLY C 65 7.74 5.25 1.73
N SER C 66 8.86 4.53 1.83
CA SER C 66 9.48 4.29 3.12
C SER C 66 10.95 3.95 2.96
N ALA C 67 11.65 3.85 4.08
CA ALA C 67 13.04 3.45 4.08
C ALA C 67 13.43 2.88 5.42
N VAL C 68 14.07 1.72 5.42
CA VAL C 68 14.63 1.16 6.63
C VAL C 68 15.88 1.93 7.03
N VAL C 69 15.88 2.40 8.27
CA VAL C 69 16.94 3.26 8.77
C VAL C 69 17.99 2.42 9.48
N VAL C 70 17.53 1.56 10.37
CA VAL C 70 18.40 0.73 11.17
C VAL C 70 17.61 -0.51 11.58
N VAL C 71 18.31 -1.59 11.89
CA VAL C 71 17.69 -2.76 12.48
C VAL C 71 18.44 -3.09 13.76
N CYS C 72 17.75 -2.98 14.89
CA CYS C 72 18.38 -3.10 16.19
C CYS C 72 17.39 -3.62 17.22
N GLU C 73 17.86 -3.83 18.43
CA GLU C 73 17.03 -4.31 19.54
C GLU C 73 15.76 -3.47 19.66
N ARG C 74 14.67 -4.14 20.03
CA ARG C 74 13.33 -3.54 20.06
C ARG C 74 13.23 -2.21 20.82
N ASP C 75 13.59 -2.22 22.10
CA ASP C 75 13.53 -1.04 22.94
C ASP C 75 14.27 0.15 22.30
N ILE C 76 15.49 -0.10 21.81
CA ILE C 76 16.27 0.93 21.14
C ILE C 76 15.54 1.46 19.91
N ALA C 77 15.03 0.54 19.10
CA ALA C 77 14.31 0.89 17.88
C ALA C 77 13.16 1.82 18.19
N GLU C 78 12.34 1.43 19.16
CA GLU C 78 11.17 2.22 19.53
C GLU C 78 11.56 3.60 20.06
N THR C 79 12.56 3.62 20.94
CA THR C 79 13.04 4.87 21.53
C THR C 79 13.49 5.86 20.45
N LYS C 80 14.31 5.38 19.52
CA LYS C 80 14.79 6.22 18.43
C LYS C 80 13.67 6.67 17.51
N ALA C 81 12.77 5.75 17.18
CA ALA C 81 11.63 6.07 16.33
C ALA C 81 10.79 7.19 16.92
N LYS C 82 10.52 7.10 18.23
CA LYS C 82 9.75 8.13 18.90
C LYS C 82 10.52 9.44 18.93
N GLU C 83 11.80 9.34 19.27
CA GLU C 83 12.68 10.50 19.32
C GLU C 83 12.72 11.25 18.00
N ALA C 84 12.88 10.51 16.91
CA ALA C 84 12.93 11.13 15.60
C ALA C 84 11.57 11.72 15.24
N THR C 85 10.51 11.02 15.64
CA THR C 85 9.16 11.43 15.28
C THR C 85 8.79 12.72 16.01
N ASP C 86 9.19 12.80 17.28
CA ASP C 86 8.87 13.97 18.09
C ASP C 86 9.50 15.23 17.54
N LEU C 87 10.69 15.09 16.98
CA LEU C 87 11.37 16.23 16.38
C LEU C 87 10.51 16.88 15.29
N GLY C 88 9.95 16.07 14.39
CA GLY C 88 9.10 16.59 13.35
C GLY C 88 7.77 17.11 13.90
N LYS C 89 7.21 16.36 14.84
CA LYS C 89 5.95 16.70 15.47
C LYS C 89 5.98 18.08 16.12
N GLU C 90 7.02 18.34 16.89
CA GLU C 90 7.14 19.60 17.63
C GLU C 90 7.59 20.75 16.74
N ALA C 91 8.05 20.44 15.52
CA ALA C 91 8.38 21.46 14.54
C ALA C 91 7.18 21.73 13.64
N GLY C 92 6.08 21.03 13.90
CA GLY C 92 4.87 21.20 13.11
C GLY C 92 4.81 20.33 11.87
N PHE C 93 5.64 19.29 11.82
CA PHE C 93 5.68 18.40 10.67
C PHE C 93 5.03 17.04 10.94
N PRO C 94 4.47 16.41 9.90
CA PRO C 94 3.82 15.10 10.05
C PRO C 94 4.81 13.95 9.94
N LEU C 95 6.10 14.24 9.96
CA LEU C 95 7.16 13.24 9.90
C LEU C 95 6.89 12.05 10.83
N MET C 96 6.91 10.84 10.26
CA MET C 96 6.60 9.64 11.02
C MET C 96 7.64 8.52 10.86
N PHE C 97 8.16 8.06 12.00
CA PHE C 97 8.99 6.87 12.07
C PHE C 97 8.22 5.77 12.79
N THR C 98 8.25 4.57 12.22
CA THR C 98 7.56 3.43 12.82
C THR C 98 8.55 2.30 13.05
N THR C 99 8.12 1.28 13.79
CA THR C 99 8.93 0.10 14.00
C THR C 99 8.14 -1.15 13.66
N GLU C 100 8.87 -2.21 13.38
CA GLU C 100 8.28 -3.49 13.09
C GLU C 100 9.39 -4.54 13.17
N PRO C 101 9.03 -5.79 13.48
CA PRO C 101 10.02 -6.86 13.59
C PRO C 101 10.64 -7.24 12.24
N GLU C 102 11.92 -7.63 12.27
CA GLU C 102 12.65 -7.99 11.06
C GLU C 102 12.06 -9.24 10.41
N GLU C 103 11.85 -10.27 11.24
CA GLU C 103 11.27 -11.56 10.84
C GLU C 103 11.26 -11.83 9.33
N ARG D 20 -34.67 -0.55 23.55
CA ARG D 20 -34.42 -0.17 22.17
C ARG D 20 -32.92 0.00 21.94
N PRO D 21 -32.41 -0.50 20.81
CA PRO D 21 -30.98 -0.31 20.55
C PRO D 21 -30.68 1.11 20.09
N LYS D 22 -29.57 1.68 20.55
CA LYS D 22 -29.22 3.05 20.22
C LYS D 22 -28.28 3.11 19.02
N LEU D 23 -28.58 3.99 18.07
CA LEU D 23 -27.73 4.17 16.90
C LEU D 23 -26.63 5.17 17.20
N TYR D 24 -25.48 4.97 16.54
CA TYR D 24 -24.30 5.81 16.76
C TYR D 24 -23.82 6.42 15.46
N LYS D 25 -23.57 7.74 15.48
CA LYS D 25 -22.96 8.42 14.35
C LYS D 25 -21.48 8.06 14.24
N VAL D 26 -21.05 7.71 13.04
CA VAL D 26 -19.61 7.62 12.76
C VAL D 26 -19.19 8.96 12.16
N MET D 27 -18.26 9.62 12.85
CA MET D 27 -17.79 10.94 12.46
C MET D 27 -16.40 10.90 11.84
N LEU D 28 -16.27 11.48 10.65
CA LEU D 28 -14.96 11.73 10.06
C LEU D 28 -14.46 13.10 10.52
N LEU D 29 -13.32 13.14 11.19
CA LEU D 29 -12.74 14.40 11.62
C LEU D 29 -11.74 14.88 10.57
N ASN D 30 -11.65 16.18 10.43
CA ASN D 30 -10.67 16.77 9.53
C ASN D 30 -9.30 16.83 10.20
N ASP D 31 -8.27 16.82 9.38
CA ASP D 31 -6.92 17.17 9.81
C ASP D 31 -6.26 17.83 8.61
N ASP D 32 -5.00 18.21 8.75
CA ASP D 32 -4.32 19.00 7.73
C ASP D 32 -3.30 18.20 6.95
N TYR D 33 -3.15 16.91 7.26
CA TYR D 33 -2.05 16.13 6.71
C TYR D 33 -2.47 14.88 5.93
N THR D 34 -3.56 14.25 6.34
CA THR D 34 -4.04 13.07 5.64
C THR D 34 -4.44 13.46 4.21
N PRO D 35 -3.85 12.81 3.19
CA PRO D 35 -4.18 13.17 1.81
C PRO D 35 -5.66 13.00 1.49
N ARG D 36 -6.19 13.93 0.69
CA ARG D 36 -7.63 13.95 0.39
C ARG D 36 -8.11 12.68 -0.32
N GLU D 37 -7.32 12.14 -1.24
CA GLU D 37 -7.73 10.95 -1.96
C GLU D 37 -7.58 9.71 -1.11
N PHE D 38 -6.64 9.73 -0.16
CA PHE D 38 -6.51 8.60 0.75
C PHE D 38 -7.76 8.48 1.59
N VAL D 39 -8.25 9.61 2.08
CA VAL D 39 -9.49 9.64 2.85
C VAL D 39 -10.61 9.05 2.01
N THR D 40 -10.68 9.46 0.74
CA THR D 40 -11.73 8.98 -0.14
C THR D 40 -11.69 7.46 -0.31
N VAL D 41 -10.52 6.89 -0.57
CA VAL D 41 -10.44 5.45 -0.78
C VAL D 41 -10.66 4.66 0.53
N VAL D 42 -10.39 5.29 1.66
CA VAL D 42 -10.75 4.69 2.95
C VAL D 42 -12.27 4.63 3.05
N LEU D 43 -12.92 5.74 2.73
CA LEU D 43 -14.38 5.80 2.76
C LEU D 43 -14.98 4.75 1.85
N LYS D 44 -14.38 4.59 0.67
CA LYS D 44 -14.84 3.59 -0.28
C LYS D 44 -14.68 2.19 0.30
N ALA D 45 -13.52 1.92 0.88
CA ALA D 45 -13.21 0.58 1.38
C ALA D 45 -14.08 0.20 2.58
N VAL D 46 -14.07 1.04 3.61
CA VAL D 46 -14.71 0.66 4.88
C VAL D 46 -16.22 0.85 4.85
N PHE D 47 -16.69 1.90 4.17
CA PHE D 47 -18.10 2.28 4.23
C PHE D 47 -18.81 2.08 2.89
N ARG D 48 -18.15 1.38 1.98
CA ARG D 48 -18.74 0.98 0.71
C ARG D 48 -19.28 2.16 -0.09
N MET D 49 -18.68 3.32 0.10
CA MET D 49 -19.06 4.49 -0.67
C MET D 49 -18.53 4.43 -2.09
N SER D 50 -19.14 5.22 -2.95
CA SER D 50 -18.65 5.38 -4.31
C SER D 50 -17.54 6.41 -4.30
N GLU D 51 -16.79 6.49 -5.39
CA GLU D 51 -15.75 7.51 -5.52
C GLU D 51 -16.36 8.89 -5.32
N ASP D 52 -17.45 9.17 -6.03
CA ASP D 52 -18.06 10.49 -6.00
C ASP D 52 -18.59 10.83 -4.60
N THR D 53 -19.21 9.88 -3.93
CA THR D 53 -19.75 10.14 -2.60
C THR D 53 -18.65 10.32 -1.57
N GLY D 54 -17.65 9.45 -1.64
CA GLY D 54 -16.52 9.52 -0.72
C GLY D 54 -15.87 10.89 -0.78
N ARG D 55 -15.74 11.41 -1.99
CA ARG D 55 -15.17 12.73 -2.19
C ARG D 55 -16.04 13.82 -1.55
N ARG D 56 -17.35 13.68 -1.66
CA ARG D 56 -18.27 14.67 -1.10
C ARG D 56 -18.18 14.66 0.42
N VAL D 57 -18.11 13.46 0.99
CA VAL D 57 -18.03 13.30 2.42
C VAL D 57 -16.70 13.81 2.91
N MET D 58 -15.65 13.43 2.18
CA MET D 58 -14.29 13.86 2.48
C MET D 58 -14.22 15.39 2.47
N MET D 59 -14.84 16.00 1.45
CA MET D 59 -14.79 17.44 1.27
C MET D 59 -15.61 18.19 2.32
N THR D 60 -16.69 17.58 2.77
CA THR D 60 -17.52 18.18 3.82
C THR D 60 -16.70 18.36 5.09
N ALA D 61 -15.98 17.31 5.47
CA ALA D 61 -15.11 17.34 6.64
C ALA D 61 -13.96 18.33 6.41
N HIS D 62 -13.43 18.31 5.20
CA HIS D 62 -12.34 19.20 4.81
C HIS D 62 -12.69 20.67 5.06
N ARG D 63 -13.95 21.03 4.90
CA ARG D 63 -14.37 22.43 4.93
C ARG D 63 -15.02 22.83 6.25
N PHE D 64 -15.78 21.93 6.85
CA PHE D 64 -16.51 22.24 8.07
C PHE D 64 -15.96 21.52 9.30
N GLY D 65 -14.83 20.83 9.13
CA GLY D 65 -14.13 20.23 10.25
C GLY D 65 -14.56 18.82 10.57
N SER D 66 -15.74 18.43 10.11
CA SER D 66 -16.21 17.07 10.34
C SER D 66 -17.36 16.71 9.40
N ALA D 67 -17.71 15.43 9.37
CA ALA D 67 -18.77 14.95 8.50
C ALA D 67 -19.30 13.61 9.00
N VAL D 68 -20.62 13.46 8.99
CA VAL D 68 -21.23 12.20 9.36
C VAL D 68 -21.09 11.22 8.20
N VAL D 69 -20.44 10.10 8.48
CA VAL D 69 -20.21 9.06 7.48
C VAL D 69 -21.39 8.10 7.41
N VAL D 70 -21.90 7.73 8.57
CA VAL D 70 -22.96 6.74 8.66
C VAL D 70 -23.52 6.74 10.08
N VAL D 71 -24.75 6.30 10.23
CA VAL D 71 -25.36 6.11 11.54
C VAL D 71 -25.86 4.68 11.60
N CYS D 72 -25.31 3.91 12.53
CA CYS D 72 -25.61 2.48 12.62
C CYS D 72 -25.51 2.00 14.06
N GLU D 73 -25.75 0.71 14.25
CA GLU D 73 -25.66 0.11 15.57
C GLU D 73 -24.28 0.32 16.19
N ARG D 74 -24.29 0.53 17.49
CA ARG D 74 -23.11 0.91 18.26
C ARG D 74 -21.89 0.06 17.96
N ASP D 75 -22.05 -1.25 18.09
CA ASP D 75 -20.97 -2.19 17.86
C ASP D 75 -20.39 -2.05 16.44
N ILE D 76 -21.26 -1.87 15.47
CA ILE D 76 -20.83 -1.72 14.08
C ILE D 76 -20.10 -0.39 13.87
N ALA D 77 -20.62 0.69 14.45
CA ALA D 77 -20.02 2.01 14.29
C ALA D 77 -18.59 2.03 14.80
N GLU D 78 -18.38 1.49 15.99
CA GLU D 78 -17.07 1.50 16.61
C GLU D 78 -16.08 0.61 15.86
N THR D 79 -16.56 -0.53 15.34
CA THR D 79 -15.73 -1.42 14.55
C THR D 79 -15.28 -0.72 13.26
N LYS D 80 -16.17 0.04 12.66
CA LYS D 80 -15.86 0.68 11.39
C LYS D 80 -15.05 1.96 11.60
N ALA D 81 -15.38 2.70 12.66
CA ALA D 81 -14.60 3.87 13.01
C ALA D 81 -13.15 3.48 13.29
N LYS D 82 -12.96 2.34 13.93
CA LYS D 82 -11.61 1.88 14.27
C LYS D 82 -10.88 1.34 13.05
N GLU D 83 -11.57 0.57 12.21
CA GLU D 83 -10.97 0.05 10.98
C GLU D 83 -10.47 1.19 10.09
N ALA D 84 -11.29 2.22 9.92
CA ALA D 84 -10.94 3.35 9.07
C ALA D 84 -9.81 4.17 9.66
N THR D 85 -9.80 4.30 10.99
CA THR D 85 -8.76 5.04 11.68
C THR D 85 -7.43 4.29 11.64
N ASP D 86 -7.48 2.98 11.85
CA ASP D 86 -6.28 2.15 11.78
C ASP D 86 -5.59 2.26 10.43
N LEU D 87 -6.39 2.35 9.37
CA LEU D 87 -5.83 2.49 8.02
C LEU D 87 -4.97 3.74 7.90
N GLY D 88 -5.46 4.86 8.41
CA GLY D 88 -4.70 6.10 8.36
C GLY D 88 -3.51 6.07 9.31
N LYS D 89 -3.73 5.50 10.48
CA LYS D 89 -2.70 5.42 11.50
C LYS D 89 -1.50 4.63 10.99
N GLU D 90 -1.79 3.44 10.47
CA GLU D 90 -0.74 2.55 10.03
C GLU D 90 -0.06 3.06 8.76
N ALA D 91 -0.67 4.05 8.11
CA ALA D 91 -0.07 4.69 6.94
C ALA D 91 0.79 5.88 7.33
N GLY D 92 0.73 6.27 8.60
CA GLY D 92 1.50 7.39 9.11
C GLY D 92 0.69 8.67 9.18
N PHE D 93 -0.61 8.57 8.97
CA PHE D 93 -1.51 9.73 8.94
C PHE D 93 -2.26 9.92 10.27
N PRO D 94 -2.64 11.17 10.58
CA PRO D 94 -3.41 11.44 11.80
C PRO D 94 -4.92 11.23 11.62
N LEU D 95 -5.33 10.66 10.50
CA LEU D 95 -6.74 10.43 10.20
C LEU D 95 -7.49 9.82 11.37
N MET D 96 -8.65 10.39 11.68
CA MET D 96 -9.40 10.02 12.88
C MET D 96 -10.90 9.94 12.60
N PHE D 97 -11.47 8.77 12.90
CA PHE D 97 -12.91 8.61 12.94
C PHE D 97 -13.32 8.41 14.39
N THR D 98 -14.42 9.04 14.79
CA THR D 98 -14.98 8.85 16.12
C THR D 98 -16.42 8.38 16.04
N THR D 99 -16.95 7.95 17.18
CA THR D 99 -18.35 7.58 17.28
C THR D 99 -19.02 8.40 18.38
N GLU D 100 -20.28 8.76 18.17
CA GLU D 100 -21.05 9.45 19.18
C GLU D 100 -22.53 9.09 19.05
N PRO D 101 -23.23 8.92 20.19
CA PRO D 101 -24.64 8.48 20.13
C PRO D 101 -25.53 9.46 19.38
N GLU D 102 -26.44 8.92 18.56
CA GLU D 102 -27.40 9.75 17.84
C GLU D 102 -28.53 10.18 18.75
#